data_6VG5
#
_entry.id   6VG5
#
_cell.length_a   40.400
_cell.length_b   25.500
_cell.length_c   68.500
_cell.angle_alpha   90.000
_cell.angle_beta   92.550
_cell.angle_gamma   90.000
#
_symmetry.space_group_name_H-M   'P 1 2 1'
#
loop_
_entity.id
_entity.type
_entity.pdbx_description
1 polymer 'Capsid premembrane protein'
2 non-polymer 'NITRATE ION'
3 non-polymer GLYCEROL
4 non-polymer 3-amino-N-(5-phenyl-1,3,4-thiadiazol-2-yl)-6,7,8,9-tetrahydro-5H-cyclohepta[b]thieno[3,2-e]pyridine-2-carboxamide
5 water water
#
_entity_poly.entity_id   1
_entity_poly.type   'polypeptide(L)'
_entity_poly.pdbx_seq_one_letter_code
;MNRVSTVQQLTKRFSLGMLQGRGPLKLFMALVAFLRFLTIPPTAGILKRWGTIKKSKAINVLRGFRKEIGRMLNILNRRR
R
;
_entity_poly.pdbx_strand_id   A,B
#
loop_
_chem_comp.id
_chem_comp.type
_chem_comp.name
_chem_comp.formula
GOL non-polymer GLYCEROL 'C3 H8 O3'
NO3 non-polymer 'NITRATE ION' 'N O3 -1'
QWY non-polymer 3-amino-N-(5-phenyl-1,3,4-thiadiazol-2-yl)-6,7,8,9-tetrahydro-5H-cyclohepta[b]thieno[3,2-e]pyridine-2-carboxamide 'C21 H19 N5 O S2'
#
# COMPACT_ATOMS: atom_id res chain seq x y z
N MET A 1 -13.60 -18.94 -5.60
CA MET A 1 -14.02 -18.75 -7.01
C MET A 1 -13.03 -17.82 -7.73
N ASN A 2 -12.58 -16.74 -7.07
CA ASN A 2 -11.71 -15.70 -7.65
C ASN A 2 -10.49 -15.45 -6.75
N ARG A 3 -9.49 -16.34 -6.80
CA ARG A 3 -8.27 -16.32 -5.95
C ARG A 3 -7.12 -15.58 -6.65
N VAL A 4 -7.21 -15.39 -7.98
CA VAL A 4 -6.16 -14.70 -8.78
C VAL A 4 -6.81 -13.66 -9.69
N SER A 5 -6.20 -12.49 -9.79
CA SER A 5 -6.58 -11.38 -10.68
C SER A 5 -5.77 -11.48 -11.97
N THR A 6 -6.30 -11.01 -13.09
CA THR A 6 -5.50 -10.72 -14.31
C THR A 6 -4.99 -9.30 -14.19
N VAL A 7 -3.91 -8.98 -14.90
CA VAL A 7 -3.40 -7.59 -15.00
C VAL A 7 -4.55 -6.69 -15.50
N GLN A 8 -5.29 -7.12 -16.52
CA GLN A 8 -6.41 -6.32 -17.08
C GLN A 8 -7.43 -6.03 -15.97
N GLN A 9 -7.78 -7.01 -15.13
CA GLN A 9 -8.77 -6.83 -14.04
C GLN A 9 -8.27 -5.75 -13.08
N LEU A 10 -6.98 -5.77 -12.71
CA LEU A 10 -6.40 -4.78 -11.76
C LEU A 10 -6.39 -3.39 -12.40
N THR A 11 -6.09 -3.29 -13.70
CA THR A 11 -6.12 -1.97 -14.39
C THR A 11 -7.55 -1.42 -14.44
N LYS A 12 -8.56 -2.29 -14.58
CA LYS A 12 -9.99 -1.90 -14.55
C LYS A 12 -10.30 -1.29 -13.17
N ARG A 13 -9.79 -1.90 -12.10
CA ARG A 13 -10.14 -1.53 -10.70
C ARG A 13 -9.43 -0.23 -10.27
N PHE A 14 -8.17 -0.03 -10.66
CA PHE A 14 -7.28 1.06 -10.17
C PHE A 14 -7.26 2.25 -11.12
N SER A 15 -8.33 3.02 -11.09
CA SER A 15 -8.57 4.14 -12.02
C SER A 15 -7.65 5.31 -11.67
N LEU A 16 -7.45 6.21 -12.64
CA LEU A 16 -6.57 7.39 -12.48
C LEU A 16 -7.04 8.24 -11.30
N GLY A 17 -8.36 8.32 -11.09
CA GLY A 17 -8.97 9.11 -10.00
C GLY A 17 -8.37 8.81 -8.64
N MET A 18 -7.96 7.56 -8.37
CA MET A 18 -7.44 7.25 -7.02
C MET A 18 -6.13 8.01 -6.82
N LEU A 19 -5.39 8.33 -7.89
CA LEU A 19 -4.12 9.09 -7.76
C LEU A 19 -4.40 10.55 -7.43
N GLN A 20 -5.65 10.99 -7.60
CA GLN A 20 -6.14 12.35 -7.26
C GLN A 20 -6.83 12.34 -5.88
N GLY A 21 -6.78 11.21 -5.15
CA GLY A 21 -7.36 11.09 -3.81
C GLY A 21 -8.83 10.73 -3.84
N ARG A 22 -9.34 10.27 -4.98
CA ARG A 22 -10.75 9.80 -5.10
C ARG A 22 -10.87 8.35 -4.59
N GLY A 23 -12.06 7.98 -4.14
CA GLY A 23 -12.40 6.58 -3.89
C GLY A 23 -12.81 6.32 -2.45
N PRO A 24 -13.13 5.06 -2.14
CA PRO A 24 -13.48 4.66 -0.77
C PRO A 24 -12.35 5.06 0.19
N LEU A 25 -12.68 5.33 1.45
CA LEU A 25 -11.68 5.75 2.45
C LEU A 25 -10.60 4.65 2.54
N LYS A 26 -10.99 3.38 2.56
CA LYS A 26 -10.03 2.27 2.74
C LYS A 26 -9.04 2.27 1.58
N LEU A 27 -9.54 2.48 0.36
CA LEU A 27 -8.66 2.55 -0.84
C LEU A 27 -7.70 3.73 -0.68
N PHE A 28 -8.24 4.90 -0.34
CA PHE A 28 -7.41 6.12 -0.17
C PHE A 28 -6.31 5.87 0.89
N MET A 29 -6.69 5.33 2.04
CA MET A 29 -5.73 5.11 3.14
C MET A 29 -4.67 4.08 2.68
N ALA A 30 -5.06 3.03 1.96
CA ALA A 30 -4.12 2.01 1.45
C ALA A 30 -3.11 2.68 0.50
N LEU A 31 -3.60 3.55 -0.38
CA LEU A 31 -2.72 4.25 -1.35
C LEU A 31 -1.78 5.17 -0.59
N VAL A 32 -2.28 5.94 0.38
CA VAL A 32 -1.39 6.84 1.16
C VAL A 32 -0.31 5.99 1.83
N ALA A 33 -0.69 4.86 2.44
CA ALA A 33 0.29 3.97 3.11
C ALA A 33 1.32 3.50 2.07
N PHE A 34 0.86 3.02 0.92
CA PHE A 34 1.74 2.57 -0.18
C PHE A 34 2.75 3.67 -0.52
N LEU A 35 2.29 4.90 -0.74
CA LEU A 35 3.23 5.99 -1.12
C LEU A 35 4.20 6.24 0.03
N ARG A 36 3.73 6.26 1.27
CA ARG A 36 4.61 6.53 2.44
C ARG A 36 5.62 5.40 2.62
N PHE A 37 5.22 4.15 2.38
CA PHE A 37 6.17 3.01 2.42
C PHE A 37 7.35 3.29 1.48
N LEU A 38 7.07 3.92 0.35
CA LEU A 38 8.05 4.14 -0.73
C LEU A 38 8.67 5.54 -0.66
N THR A 39 8.27 6.36 0.31
CA THR A 39 8.67 7.78 0.46
C THR A 39 8.40 8.57 -0.83
N ILE A 40 7.28 8.30 -1.50
CA ILE A 40 6.87 9.02 -2.74
C ILE A 40 5.92 10.14 -2.32
N PRO A 41 6.20 11.40 -2.71
CA PRO A 41 5.32 12.49 -2.31
C PRO A 41 3.91 12.29 -2.87
N PRO A 42 2.88 12.72 -2.11
CA PRO A 42 1.50 12.65 -2.59
C PRO A 42 1.25 13.67 -3.70
N THR A 43 0.16 13.46 -4.44
CA THR A 43 -0.42 14.48 -5.35
C THR A 43 -1.15 15.54 -4.53
N ALA A 44 -1.44 16.68 -5.14
CA ALA A 44 -2.25 17.75 -4.52
C ALA A 44 -3.60 17.18 -4.08
N GLY A 45 -4.22 16.33 -4.90
CA GLY A 45 -5.53 15.76 -4.58
C GLY A 45 -5.46 14.85 -3.36
N ILE A 46 -4.40 14.04 -3.27
CA ILE A 46 -4.20 13.15 -2.08
C ILE A 46 -3.96 14.02 -0.84
N LEU A 47 -3.14 15.05 -0.95
CA LEU A 47 -2.82 15.92 0.20
C LEU A 47 -4.09 16.65 0.67
N LYS A 48 -4.95 17.08 -0.27
CA LYS A 48 -6.23 17.75 0.06
C LYS A 48 -7.07 16.80 0.92
N ARG A 49 -7.27 15.57 0.46
CA ARG A 49 -8.16 14.62 1.17
C ARG A 49 -7.53 14.23 2.50
N TRP A 50 -6.20 14.12 2.54
CA TRP A 50 -5.47 13.74 3.78
C TRP A 50 -5.86 14.68 4.91
N GLY A 51 -6.12 15.96 4.59
CA GLY A 51 -6.50 17.00 5.56
C GLY A 51 -7.93 16.87 6.08
N THR A 52 -8.82 16.19 5.33
CA THR A 52 -10.29 16.18 5.59
C THR A 52 -10.76 14.84 6.20
N ILE A 53 -9.95 13.76 6.16
CA ILE A 53 -10.38 12.45 6.72
C ILE A 53 -10.70 12.59 8.21
N LYS A 54 -11.65 11.79 8.69
CA LYS A 54 -12.05 11.73 10.12
C LYS A 54 -10.98 10.94 10.90
N LYS A 55 -10.42 11.57 11.93
CA LYS A 55 -9.30 11.01 12.75
C LYS A 55 -9.64 9.58 13.20
N SER A 56 -10.76 9.35 13.89
CA SER A 56 -11.05 8.04 14.53
C SER A 56 -11.19 6.95 13.46
N LYS A 57 -11.87 7.23 12.35
CA LYS A 57 -12.09 6.22 11.28
C LYS A 57 -10.74 5.86 10.62
N ALA A 58 -9.95 6.88 10.29
CA ALA A 58 -8.63 6.70 9.65
C ALA A 58 -7.74 5.86 10.57
N ILE A 59 -7.78 6.13 11.88
CA ILE A 59 -6.93 5.38 12.86
C ILE A 59 -7.38 3.92 12.87
N ASN A 60 -8.68 3.66 12.85
CA ASN A 60 -9.24 2.29 12.83
CA ASN A 60 -9.18 2.26 12.87
C ASN A 60 -8.71 1.54 11.60
N VAL A 61 -8.73 2.22 10.45
CA VAL A 61 -8.28 1.59 9.18
C VAL A 61 -6.79 1.27 9.32
N LEU A 62 -6.01 2.18 9.85
CA LEU A 62 -4.56 1.97 10.00
C LEU A 62 -4.26 0.83 10.98
N ARG A 63 -5.00 0.71 12.08
CA ARG A 63 -4.79 -0.44 13.01
C ARG A 63 -4.99 -1.73 12.21
N GLY A 64 -5.99 -1.78 11.33
CA GLY A 64 -6.23 -2.94 10.46
C GLY A 64 -5.03 -3.20 9.57
N PHE A 65 -4.44 -2.15 9.00
CA PHE A 65 -3.25 -2.29 8.12
C PHE A 65 -2.08 -2.85 8.95
N ARG A 66 -1.93 -2.39 10.19
CA ARG A 66 -0.83 -2.82 11.07
C ARG A 66 -0.98 -4.32 11.32
N LYS A 67 -2.20 -4.77 11.57
CA LYS A 67 -2.52 -6.19 11.79
C LYS A 67 -2.19 -6.97 10.52
N GLU A 68 -2.54 -6.44 9.35
CA GLU A 68 -2.35 -7.18 8.08
C GLU A 68 -0.85 -7.35 7.82
N ILE A 69 -0.03 -6.34 8.08
CA ILE A 69 1.45 -6.50 7.92
CA ILE A 69 1.45 -6.48 7.93
C ILE A 69 1.91 -7.60 8.89
N GLY A 70 1.33 -7.64 10.10
CA GLY A 70 1.65 -8.72 11.06
C GLY A 70 1.31 -10.08 10.47
N ARG A 71 0.17 -10.22 9.79
CA ARG A 71 -0.22 -11.50 9.17
C ARG A 71 0.82 -11.86 8.10
N MET A 72 1.26 -10.88 7.31
CA MET A 72 2.24 -11.14 6.23
C MET A 72 3.57 -11.58 6.85
N LEU A 73 3.97 -10.94 7.94
CA LEU A 73 5.23 -11.34 8.63
C LEU A 73 5.09 -12.76 9.19
N ASN A 74 3.92 -13.12 9.70
CA ASN A 74 3.69 -14.49 10.24
C ASN A 74 3.86 -15.50 9.08
N ILE A 75 3.32 -15.20 7.90
CA ILE A 75 3.45 -16.13 6.75
C ILE A 75 4.94 -16.30 6.42
N LEU A 76 5.70 -15.22 6.33
CA LEU A 76 7.11 -15.34 5.90
C LEU A 76 7.96 -15.99 6.99
N ASN A 77 7.67 -15.72 8.26
CA ASN A 77 8.45 -16.31 9.38
C ASN A 77 8.20 -17.81 9.44
N ARG A 78 6.97 -18.24 9.16
CA ARG A 78 6.56 -19.66 9.28
C ARG A 78 7.08 -20.43 8.06
N ARG A 79 7.62 -19.72 7.05
CA ARG A 79 8.16 -20.32 5.81
C ARG A 79 9.66 -20.65 5.97
N ARG A 80 10.42 -19.87 6.74
CA ARG A 80 11.87 -20.09 7.00
C ARG A 80 12.08 -20.51 8.46
N ARG A 81 12.50 -21.77 8.67
CA ARG A 81 12.66 -22.41 10.01
C ARG A 81 11.37 -22.25 10.81
N MET B 1 10.27 21.35 -7.02
CA MET B 1 9.48 21.06 -5.77
C MET B 1 9.29 19.54 -5.64
N ASN B 2 9.65 18.98 -4.48
CA ASN B 2 9.57 17.52 -4.19
C ASN B 2 8.75 17.29 -2.92
N ARG B 3 7.82 18.18 -2.59
CA ARG B 3 6.81 17.98 -1.52
C ARG B 3 5.53 17.42 -2.16
N VAL B 4 5.33 17.58 -3.47
CA VAL B 4 4.15 17.03 -4.20
C VAL B 4 4.62 16.37 -5.50
N SER B 5 3.95 15.27 -5.85
CA SER B 5 4.06 14.55 -7.14
C SER B 5 2.91 15.01 -8.05
N THR B 6 3.13 15.05 -9.37
CA THR B 6 2.04 15.20 -10.36
C THR B 6 1.42 13.82 -10.58
N VAL B 7 0.17 13.77 -11.02
CA VAL B 7 -0.44 12.47 -11.43
C VAL B 7 0.44 11.88 -12.53
N GLN B 8 0.95 12.73 -13.44
CA GLN B 8 1.81 12.32 -14.57
C GLN B 8 3.04 11.58 -14.01
N GLN B 9 3.72 12.18 -13.03
CA GLN B 9 4.93 11.60 -12.37
C GLN B 9 4.62 10.21 -11.79
N LEU B 10 3.47 10.05 -11.12
CA LEU B 10 3.10 8.76 -10.49
C LEU B 10 2.82 7.71 -11.56
N THR B 11 2.13 8.05 -12.65
CA THR B 11 1.82 7.08 -13.74
C THR B 11 3.14 6.59 -14.33
N LYS B 12 4.11 7.49 -14.50
CA LYS B 12 5.48 7.21 -15.01
C LYS B 12 6.17 6.18 -14.09
N ARG B 13 6.09 6.37 -12.77
CA ARG B 13 6.80 5.53 -11.77
C ARG B 13 6.16 4.14 -11.68
N PHE B 14 4.82 4.05 -11.75
CA PHE B 14 4.06 2.82 -11.45
C PHE B 14 3.67 2.10 -12.74
N SER B 15 4.69 1.58 -13.41
CA SER B 15 4.57 0.95 -14.74
C SER B 15 3.75 -0.35 -14.63
N LEU B 16 3.18 -0.79 -15.75
CA LEU B 16 2.28 -1.96 -15.82
C LEU B 16 3.00 -3.20 -15.29
N GLY B 17 4.31 -3.32 -15.51
CA GLY B 17 5.13 -4.47 -15.09
C GLY B 17 5.04 -4.75 -13.60
N MET B 18 4.78 -3.72 -12.78
CA MET B 18 4.71 -3.98 -11.33
C MET B 18 3.48 -4.84 -11.03
N LEU B 19 2.43 -4.79 -11.86
CA LEU B 19 1.22 -5.65 -11.65
C LEU B 19 1.53 -7.11 -11.99
N GLN B 20 2.66 -7.38 -12.66
CA GLN B 20 3.15 -8.76 -12.98
C GLN B 20 4.24 -9.18 -11.99
N GLY B 21 4.52 -8.37 -10.97
CA GLY B 21 5.47 -8.71 -9.89
C GLY B 21 6.88 -8.21 -10.20
N ARG B 22 7.06 -7.29 -11.16
CA ARG B 22 8.39 -6.74 -11.50
C ARG B 22 8.70 -5.57 -10.56
N GLY B 23 9.99 -5.32 -10.35
CA GLY B 23 10.49 -4.10 -9.74
C GLY B 23 11.34 -4.40 -8.51
N PRO B 24 11.88 -3.33 -7.87
CA PRO B 24 12.61 -3.44 -6.61
C PRO B 24 11.77 -4.20 -5.58
N LEU B 25 12.42 -4.94 -4.69
CA LEU B 25 11.69 -5.73 -3.66
C LEU B 25 10.78 -4.79 -2.87
N LYS B 26 11.27 -3.60 -2.46
CA LYS B 26 10.42 -2.68 -1.65
C LYS B 26 9.15 -2.31 -2.42
N LEU B 27 9.22 -2.08 -3.72
CA LEU B 27 8.04 -1.74 -4.55
C LEU B 27 7.09 -2.94 -4.55
N PHE B 28 7.63 -4.12 -4.82
CA PHE B 28 6.85 -5.36 -4.89
C PHE B 28 6.12 -5.56 -3.55
N MET B 29 6.85 -5.44 -2.44
CA MET B 29 6.28 -5.72 -1.10
C MET B 29 5.21 -4.66 -0.77
N ALA B 30 5.44 -3.40 -1.13
CA ALA B 30 4.46 -2.31 -0.91
C ALA B 30 3.19 -2.65 -1.70
N LEU B 31 3.32 -3.13 -2.94
CA LEU B 31 2.13 -3.47 -3.75
C LEU B 31 1.42 -4.67 -3.11
N VAL B 32 2.15 -5.70 -2.71
CA VAL B 32 1.51 -6.88 -2.08
C VAL B 32 0.74 -6.43 -0.83
N ALA B 33 1.32 -5.57 0.01
CA ALA B 33 0.65 -5.07 1.22
C ALA B 33 -0.64 -4.32 0.83
N PHE B 34 -0.53 -3.43 -0.16
CA PHE B 34 -1.66 -2.62 -0.66
C PHE B 34 -2.79 -3.57 -1.08
N LEU B 35 -2.49 -4.59 -1.87
CA LEU B 35 -3.55 -5.52 -2.32
C LEU B 35 -4.15 -6.26 -1.13
N ARG B 36 -3.32 -6.70 -0.19
CA ARG B 36 -3.81 -7.45 1.00
C ARG B 36 -4.67 -6.53 1.88
N PHE B 37 -4.30 -5.27 2.02
CA PHE B 37 -5.11 -4.28 2.77
C PHE B 37 -6.52 -4.22 2.20
N LEU B 38 -6.64 -4.40 0.89
CA LEU B 38 -7.93 -4.21 0.19
C LEU B 38 -8.58 -5.56 -0.16
N THR B 39 -7.97 -6.67 0.25
CA THR B 39 -8.42 -8.05 -0.08
C THR B 39 -8.57 -8.23 -1.60
N ILE B 40 -7.68 -7.60 -2.38
CA ILE B 40 -7.68 -7.75 -3.86
C ILE B 40 -6.77 -8.92 -4.21
N PRO B 41 -7.24 -9.94 -4.95
CA PRO B 41 -6.38 -11.06 -5.32
C PRO B 41 -5.18 -10.62 -6.14
N PRO B 42 -4.00 -11.23 -5.93
CA PRO B 42 -2.81 -10.90 -6.71
C PRO B 42 -2.92 -11.52 -8.11
N THR B 43 -2.07 -11.07 -9.03
CA THR B 43 -1.87 -11.71 -10.35
C THR B 43 -1.02 -12.99 -10.17
N ALA B 44 -0.97 -13.83 -11.20
CA ALA B 44 -0.09 -15.02 -11.20
C ALA B 44 1.37 -14.60 -11.01
N GLY B 45 1.80 -13.50 -11.67
CA GLY B 45 3.19 -13.04 -11.59
C GLY B 45 3.51 -12.54 -10.18
N ILE B 46 2.58 -11.82 -9.56
CA ILE B 46 2.76 -11.37 -8.15
C ILE B 46 2.89 -12.61 -7.24
N LEU B 47 1.99 -13.56 -7.39
CA LEU B 47 1.96 -14.77 -6.54
C LEU B 47 3.27 -15.57 -6.72
N LYS B 48 3.78 -15.69 -7.95
CA LYS B 48 5.04 -16.41 -8.23
C LYS B 48 6.19 -15.72 -7.49
N ARG B 49 6.27 -14.40 -7.57
CA ARG B 49 7.36 -13.70 -6.88
C ARG B 49 7.18 -13.86 -5.37
N TRP B 50 5.95 -13.76 -4.86
CA TRP B 50 5.69 -13.95 -3.40
C TRP B 50 6.24 -15.31 -2.96
N GLY B 51 6.05 -16.34 -3.79
CA GLY B 51 6.44 -17.73 -3.47
C GLY B 51 7.95 -17.92 -3.42
N THR B 52 8.72 -17.08 -4.11
CA THR B 52 10.19 -17.26 -4.33
C THR B 52 10.98 -16.11 -3.71
N ILE B 53 10.31 -15.27 -2.95
CA ILE B 53 10.90 -14.06 -2.31
C ILE B 53 12.07 -14.47 -1.41
N LYS B 54 13.11 -13.64 -1.38
CA LYS B 54 14.19 -13.72 -0.36
C LYS B 54 13.56 -13.35 0.99
N LYS B 55 13.28 -14.34 1.84
CA LYS B 55 12.43 -14.17 3.03
C LYS B 55 13.06 -13.17 4.00
N SER B 56 14.37 -13.23 4.27
CA SER B 56 15.01 -12.32 5.27
C SER B 56 14.85 -10.86 4.83
N LYS B 57 15.16 -10.55 3.57
CA LYS B 57 15.07 -9.17 3.01
C LYS B 57 13.61 -8.72 3.06
N ALA B 58 12.66 -9.58 2.69
CA ALA B 58 11.22 -9.28 2.67
C ALA B 58 10.72 -8.97 4.08
N ILE B 59 11.15 -9.74 5.07
CA ILE B 59 10.76 -9.50 6.49
C ILE B 59 11.28 -8.13 6.90
N ASN B 60 12.54 -7.82 6.59
CA ASN B 60 13.13 -6.51 6.95
C ASN B 60 12.28 -5.38 6.34
N VAL B 61 11.88 -5.53 5.09
CA VAL B 61 11.08 -4.50 4.37
C VAL B 61 9.74 -4.35 5.09
N LEU B 62 9.07 -5.44 5.40
CA LEU B 62 7.73 -5.38 6.03
C LEU B 62 7.83 -4.76 7.44
N ARG B 63 8.89 -5.08 8.21
CA ARG B 63 9.08 -4.45 9.54
C ARG B 63 9.14 -2.92 9.35
N GLY B 64 9.82 -2.45 8.31
CA GLY B 64 9.89 -1.00 8.03
C GLY B 64 8.50 -0.47 7.72
N PHE B 65 7.73 -1.18 6.92
CA PHE B 65 6.35 -0.74 6.59
C PHE B 65 5.53 -0.64 7.86
N ARG B 66 5.69 -1.59 8.77
CA ARG B 66 4.89 -1.60 10.02
C ARG B 66 5.28 -0.38 10.86
N LYS B 67 6.57 -0.03 10.90
CA LYS B 67 7.01 1.21 11.58
C LYS B 67 6.34 2.43 10.93
N GLU B 68 6.22 2.44 9.61
CA GLU B 68 5.60 3.56 8.88
C GLU B 68 4.11 3.65 9.23
N ILE B 69 3.41 2.53 9.38
CA ILE B 69 1.99 2.57 9.82
C ILE B 69 1.93 3.25 11.19
N GLY B 70 2.85 2.89 12.09
CA GLY B 70 2.96 3.56 13.39
C GLY B 70 3.15 5.05 13.22
N ARG B 71 4.02 5.48 12.31
CA ARG B 71 4.25 6.93 12.09
C ARG B 71 2.96 7.59 11.60
N MET B 72 2.16 6.87 10.81
CA MET B 72 0.89 7.45 10.30
C MET B 72 -0.09 7.56 11.46
N LEU B 73 -0.13 6.57 12.37
CA LEU B 73 -0.97 6.66 13.57
C LEU B 73 -0.51 7.87 14.40
N ASN B 74 0.79 8.11 14.46
CA ASN B 74 1.34 9.20 15.30
C ASN B 74 0.92 10.55 14.70
N ILE B 75 0.91 10.66 13.37
CA ILE B 75 0.47 11.91 12.69
C ILE B 75 -0.99 12.16 13.03
N LEU B 76 -1.85 11.16 12.87
CA LEU B 76 -3.31 11.33 13.09
C LEU B 76 -3.61 11.55 14.57
N ASN B 77 -2.79 11.01 15.48
CA ASN B 77 -2.97 11.21 16.94
C ASN B 77 -2.98 12.71 17.26
N ARG B 78 -2.12 13.50 16.60
CA ARG B 78 -1.94 14.93 16.90
C ARG B 78 -3.21 15.72 16.55
N ARG B 79 -4.08 15.22 15.67
CA ARG B 79 -5.25 16.00 15.20
C ARG B 79 -6.31 16.11 16.28
N ARG B 80 -7.11 17.18 16.24
CA ARG B 80 -8.21 17.39 17.21
CA ARG B 80 -8.23 17.42 17.20
C ARG B 80 -9.45 16.62 16.74
N ARG B 81 -9.57 16.40 15.42
CA ARG B 81 -10.78 15.82 14.75
C ARG B 81 -10.39 15.14 13.43
N NO3 C . -0.80 -5.77 15.63
O1 NO3 C . 0.22 -6.46 15.74
O2 NO3 C . -0.70 -4.46 15.22
O3 NO3 C . -2.05 -6.28 15.92
N NO3 D . -4.21 15.90 -8.47
O1 NO3 D . -4.10 15.87 -9.69
O2 NO3 D . -5.39 15.53 -7.86
O3 NO3 D . -3.16 16.33 -7.68
N NO3 E . -1.63 0.14 17.20
O1 NO3 E . -0.49 0.32 16.78
O2 NO3 E . -2.57 -0.50 16.40
O3 NO3 E . -1.99 0.60 18.47
N NO3 F . -12.20 0.16 9.82
O1 NO3 F . -12.75 0.68 10.78
O2 NO3 F . -12.73 0.34 8.53
O3 NO3 F . -11.03 -0.60 10.00
N NO3 G . 0.46 12.17 3.39
O1 NO3 G . 0.68 13.11 4.16
O2 NO3 G . 1.37 11.15 3.23
O3 NO3 G . -0.71 12.13 2.64
N NO3 H . -14.59 -2.81 -3.09
O1 NO3 H . -15.19 -1.77 -2.81
O2 NO3 H . -14.02 -3.63 -2.10
O3 NO3 H . -14.44 -3.20 -4.41
C1 GOL I . 6.90 9.68 3.87
O1 GOL I . 7.13 8.30 4.20
C2 GOL I . 6.60 9.90 2.39
O2 GOL I . 7.62 10.71 1.81
C3 GOL I . 5.25 10.53 2.12
O3 GOL I . 4.56 9.89 1.03
CAD QWY J . -4.67 1.92 -22.09
CAD QWY J . -1.79 6.75 -21.39
CAC QWY J . -4.42 2.25 -23.42
CAC QWY J . -2.41 7.01 -22.62
CAT QWY J . -3.23 2.85 -23.79
CAT QWY J . -3.71 6.59 -22.86
CAU QWY J . -2.27 3.13 -22.82
CAU QWY J . -4.40 5.91 -21.87
CAV QWY J . -2.51 2.80 -21.49
CAV QWY J . -3.79 5.64 -20.65
CAE QWY J . -3.72 2.19 -21.12
CAE QWY J . -2.49 6.06 -20.41
CAF QWY J . -3.93 1.90 -19.82
CAF QWY J . -1.90 5.80 -19.23
SAW QWY J . -2.73 1.66 -18.66
SAW QWY J . -2.71 5.47 -17.80
NAG QWY J . -5.14 1.74 -19.26
NAG QWY J . -0.57 5.74 -19.02
NAH QWY J . -5.13 1.47 -18.06
NAH QWY J . -0.23 5.48 -17.89
CAI QWY J . -3.91 1.36 -17.49
CAI QWY J . -1.23 5.28 -17.00
NAJ QWY J . -3.71 1.09 -16.18
NAJ QWY J . -1.04 4.97 -15.71
CAK QWY J . -2.45 0.95 -15.70
CAK QWY J . -2.09 4.89 -14.86
OAA QWY J . -1.46 1.04 -16.42
OAA QWY J . -3.25 5.10 -15.21
CAL QWY J . -2.32 0.75 -14.36
CAL QWY J . -1.81 4.52 -13.58
SAX QWY J . -3.57 0.62 -13.23
SAX QWY J . -0.29 4.24 -12.95
CAY QWY J . -2.56 0.42 -11.89
CAY QWY J . -0.83 3.84 -11.41
NAZ QWY J . -2.86 0.25 -10.59
NAZ QWY J . -0.14 3.48 -10.32
CBA QWY J . -1.91 0.12 -9.66
CBA QWY J . -0.75 3.20 -9.16
CBB QWY J . -2.39 -0.05 -8.36
CBB QWY J . 0.13 2.85 -8.14
CBC QWY J . -1.88 1.05 -7.47
CBC QWY J . -0.19 1.45 -7.67
CAS QWY J . -0.48 0.72 -7.02
CAS QWY J . -1.34 1.54 -6.69
CAR QWY J . 0.51 1.09 -8.13
CAR QWY J . -2.67 1.60 -7.45
CAQ QWY J . 0.54 0.02 -9.24
CAQ QWY J . -2.94 3.02 -8.01
CAP QWY J . -0.59 0.15 -10.06
CAP QWY J . -2.13 3.27 -9.11
CAO QWY J . -0.29 0.33 -11.41
CAO QWY J . -2.83 3.64 -10.25
CAN QWY J . -1.28 0.47 -12.33
CAN QWY J . -2.18 3.93 -11.41
CAM QWY J . -1.15 0.65 -13.69
CAM QWY J . -2.72 4.30 -12.61
NAB QWY J . 0.03 0.71 -14.30
NAB QWY J . -4.03 4.44 -12.80
N NO3 K . 4.52 13.50 19.29
O1 NO3 K . 5.19 14.38 19.79
O2 NO3 K . 3.14 13.62 19.19
O3 NO3 K . 5.13 12.35 18.84
N NO3 L . 13.00 -10.87 -4.24
O1 NO3 L . 13.61 -11.44 -3.34
O2 NO3 L . 11.92 -11.43 -4.92
O3 NO3 L . 13.39 -9.60 -4.63
N NO3 M . 8.63 -3.73 13.33
O1 NO3 M . 7.60 -3.17 13.10
O2 NO3 M . 9.76 -2.99 13.63
O3 NO3 M . 8.70 -5.11 13.33
N NO3 N . 0.71 -11.86 -14.57
O1 NO3 N . 0.07 -12.64 -13.89
O2 NO3 N . 0.14 -11.28 -15.70
O3 NO3 N . 2.02 -11.59 -14.26
N NO3 O . -5.89 19.16 13.88
O1 NO3 O . -4.86 19.10 13.23
O2 NO3 O . -7.04 18.45 13.51
O3 NO3 O . -5.93 19.95 15.03
N NO3 P . 13.61 4.19 -5.77
O1 NO3 P . 13.33 4.44 -4.58
O2 NO3 P . 13.36 5.15 -6.76
O3 NO3 P . 14.16 2.97 -6.14
N NO3 Q . 8.99 -2.11 -12.42
O1 NO3 Q . 8.03 -2.27 -11.69
O2 NO3 Q . 8.96 -2.64 -13.73
O3 NO3 Q . 10.11 -1.43 -11.95
N NO3 R . -0.15 -12.46 -1.35
O1 NO3 R . 0.29 -13.34 -0.62
O2 NO3 R . -1.30 -11.78 -1.00
O3 NO3 R . 0.49 -12.11 -2.54
C1 GOL S . 13.66 -1.92 4.36
O1 GOL S . 13.26 -1.25 5.55
C2 GOL S . 15.07 -2.46 4.44
O2 GOL S . 15.19 -3.39 5.52
C3 GOL S . 15.54 -3.12 3.17
O3 GOL S . 16.74 -3.88 3.37
#